data_7I1W
#
_entry.id   7I1W
#
_cell.length_a   42.550
_cell.length_b   42.550
_cell.length_c   216.477
_cell.angle_alpha   90.00
_cell.angle_beta   90.00
_cell.angle_gamma   90.00
#
_symmetry.space_group_name_H-M   'P 43 2 2'
#
loop_
_entity.id
_entity.type
_entity.pdbx_description
1 polymer 'Serine protease subunit NS2B'
2 polymer 'Serine protease NS3'
3 non-polymer 'DIMETHYL SULFOXIDE'
4 non-polymer (1r,4r)-4-amino-N-[4-(hydroxymethyl)-2-methylquinolin-8-yl]cyclohexane-1-carboxamide
5 water water
#
loop_
_entity_poly.entity_id
_entity_poly.type
_entity_poly.pdbx_seq_one_letter_code
_entity_poly.pdbx_strand_id
1 'polypeptide(L)' SMGKSVDMYIERAGDITWEKDAEVTGNSPRLDVALDESGDFSLVEE A
2 'polypeptide(L)'
;MKEVKKGETTDGVYRVMTRRLLGSTQVGVGVMQEGVFHTMWHVTKGAALRSGEGRLDPYWGDVKQDLVSYCGPWKLDAAW
DGLSEVQLLAVPPGERAKNIQTLPGIFKTKDGDIGAVALDYPAGTSGSPILDKCGRVIGLYGNGVVIKNGSYVSAITQGK
REEETPVE
;
B
#
loop_
_chem_comp.id
_chem_comp.type
_chem_comp.name
_chem_comp.formula
A1BXO non-polymer (1r,4r)-4-amino-N-[4-(hydroxymethyl)-2-methylquinolin-8-yl]cyclohexane-1-carboxamide 'C18 H23 N3 O2'
DMS non-polymer 'DIMETHYL SULFOXIDE' 'C2 H6 O S'
#
# COMPACT_ATOMS: atom_id res chain seq x y z
N ASP A 7 3.40 15.71 -14.67
CA ASP A 7 4.37 15.88 -13.54
C ASP A 7 3.63 15.68 -12.22
N MET A 8 4.03 14.66 -11.47
CA MET A 8 3.34 14.17 -10.25
C MET A 8 3.92 14.88 -9.03
N TYR A 9 3.09 15.17 -8.04
CA TYR A 9 3.54 15.79 -6.77
C TYR A 9 2.91 15.06 -5.59
N ILE A 10 3.56 15.12 -4.42
CA ILE A 10 3.11 14.46 -3.16
C ILE A 10 2.60 15.53 -2.18
N GLU A 11 1.56 15.21 -1.41
CA GLU A 11 0.96 16.07 -0.34
C GLU A 11 0.78 15.18 0.91
N ARG A 12 1.24 15.60 2.08
CA ARG A 12 1.10 14.77 3.31
C ARG A 12 -0.37 14.41 3.54
N ALA A 13 -0.67 13.27 4.17
CA ALA A 13 -2.06 12.81 4.46
C ALA A 13 -2.25 12.35 5.91
N GLY A 14 -1.18 12.14 6.67
CA GLY A 14 -1.30 11.65 8.05
C GLY A 14 0.00 11.11 8.54
N ASP A 15 0.07 10.89 9.85
CA ASP A 15 1.06 10.06 10.59
C ASP A 15 0.76 8.59 10.26
N ILE A 16 1.75 7.72 10.50
CA ILE A 16 1.59 6.23 10.39
C ILE A 16 1.57 5.70 11.83
N THR A 17 0.36 5.39 12.31
N THR A 17 0.38 5.37 12.32
N THR A 17 0.36 5.39 12.31
N THR A 17 0.38 5.37 12.32
CA THR A 17 0.05 5.01 13.73
CA THR A 17 0.11 4.99 13.73
CA THR A 17 0.05 5.01 13.73
CA THR A 17 0.11 4.99 13.73
C THR A 17 -1.05 3.95 13.75
C THR A 17 -1.05 3.98 13.79
C THR A 17 -1.05 3.95 13.75
C THR A 17 -1.05 3.98 13.79
N TRP A 18 -0.94 3.00 14.69
CA TRP A 18 -2.03 2.05 15.01
C TRP A 18 -3.06 2.81 15.85
N GLU A 19 -4.33 2.86 15.42
CA GLU A 19 -5.44 3.51 16.15
C GLU A 19 -6.30 2.43 16.83
N LYS A 20 -6.21 2.31 18.16
CA LYS A 20 -7.08 1.41 18.99
C LYS A 20 -8.55 1.65 18.61
N ASP A 21 -9.32 0.57 18.54
CA ASP A 21 -10.78 0.58 18.23
C ASP A 21 -11.05 1.28 16.88
N ALA A 22 -10.43 0.76 15.81
N ALA A 22 -10.43 0.76 15.81
N ALA A 22 -10.43 0.76 15.81
N ALA A 22 -10.43 0.76 15.81
CA ALA A 22 -10.70 1.14 14.40
CA ALA A 22 -10.70 1.14 14.40
CA ALA A 22 -10.70 1.14 14.40
CA ALA A 22 -10.70 1.14 14.40
C ALA A 22 -11.74 0.18 13.81
C ALA A 22 -11.74 0.18 13.81
C ALA A 22 -11.74 0.17 13.82
C ALA A 22 -11.74 0.17 13.82
N GLU A 23 -12.43 0.61 12.77
N GLU A 23 -12.43 0.61 12.77
N GLU A 23 -12.47 0.58 12.78
N GLU A 23 -12.47 0.58 12.78
CA GLU A 23 -13.48 -0.17 12.05
CA GLU A 23 -13.48 -0.17 12.05
CA GLU A 23 -13.47 -0.26 12.08
CA GLU A 23 -13.47 -0.26 12.08
C GLU A 23 -12.87 -1.50 11.57
C GLU A 23 -12.87 -1.50 11.57
C GLU A 23 -12.80 -1.58 11.67
C GLU A 23 -12.80 -1.58 11.67
N VAL A 24 -13.24 -2.61 12.23
N VAL A 24 -13.24 -2.61 12.23
N VAL A 24 -13.21 -2.69 12.29
N VAL A 24 -13.21 -2.69 12.29
CA VAL A 24 -12.76 -3.99 11.93
CA VAL A 24 -12.76 -3.99 11.93
CA VAL A 24 -12.74 -4.07 11.96
CA VAL A 24 -12.74 -4.07 11.96
C VAL A 24 -13.66 -4.62 10.86
C VAL A 24 -13.66 -4.62 10.86
C VAL A 24 -13.66 -4.65 10.88
C VAL A 24 -13.66 -4.65 10.88
N THR A 25 -13.07 -5.16 9.79
CA THR A 25 -13.84 -5.66 8.62
C THR A 25 -12.94 -6.48 7.68
N GLY A 26 -13.54 -6.99 6.60
CA GLY A 26 -12.90 -7.89 5.62
C GLY A 26 -12.60 -9.28 6.18
N ASN A 27 -12.57 -10.27 5.27
CA ASN A 27 -12.30 -11.70 5.55
C ASN A 27 -10.80 -12.05 5.32
N SER A 28 -10.46 -13.35 5.35
CA SER A 28 -9.09 -13.91 5.29
C SER A 28 -8.98 -15.03 4.28
N PRO A 29 -9.26 -14.79 2.98
CA PRO A 29 -9.26 -15.86 1.98
C PRO A 29 -7.86 -16.40 1.70
N ARG A 30 -7.73 -17.73 1.64
CA ARG A 30 -6.51 -18.45 1.19
C ARG A 30 -6.65 -18.70 -0.31
N LEU A 31 -5.82 -18.07 -1.13
CA LEU A 31 -5.96 -18.12 -2.61
C LEU A 31 -4.66 -18.64 -3.24
N ASP A 32 -4.80 -19.64 -4.11
CA ASP A 32 -3.74 -20.14 -5.02
C ASP A 32 -3.56 -19.14 -6.16
N VAL A 33 -2.39 -18.51 -6.27
CA VAL A 33 -2.23 -17.39 -7.25
C VAL A 33 -0.91 -17.63 -7.99
N ALA A 34 -0.80 -17.05 -9.18
CA ALA A 34 0.48 -17.00 -9.94
C ALA A 34 0.85 -15.54 -10.18
N LEU A 35 2.14 -15.30 -10.31
CA LEU A 35 2.74 -13.95 -10.50
C LEU A 35 3.56 -14.01 -11.79
N ASP A 36 3.09 -13.33 -12.83
CA ASP A 36 3.81 -13.18 -14.13
C ASP A 36 4.88 -12.08 -13.99
N GLU A 37 5.61 -11.86 -15.09
CA GLU A 37 6.87 -11.10 -15.12
C GLU A 37 6.50 -9.61 -15.09
N SER A 38 5.26 -9.28 -15.45
CA SER A 38 4.72 -7.90 -15.39
C SER A 38 4.14 -7.57 -14.01
N GLY A 39 4.27 -8.44 -13.02
CA GLY A 39 3.77 -8.17 -11.65
C GLY A 39 2.25 -8.31 -11.56
N ASP A 40 1.60 -9.01 -12.50
CA ASP A 40 0.15 -9.37 -12.40
C ASP A 40 -0.04 -10.67 -11.62
N PHE A 41 -0.74 -10.60 -10.50
CA PHE A 41 -1.29 -11.77 -9.78
C PHE A 41 -2.47 -12.33 -10.57
N SER A 42 -2.52 -13.65 -10.70
CA SER A 42 -3.69 -14.35 -11.30
C SER A 42 -4.08 -15.55 -10.44
N LEU A 43 -5.36 -15.91 -10.46
CA LEU A 43 -5.90 -17.10 -9.75
C LEU A 43 -5.56 -18.38 -10.54
N VAL A 44 -4.97 -19.35 -9.85
CA VAL A 44 -4.70 -20.73 -10.36
C VAL A 44 -5.87 -21.59 -9.87
N GLU A 45 -6.54 -22.34 -10.74
CA GLU A 45 -7.78 -23.07 -10.38
C GLU A 45 -7.64 -24.54 -10.80
N GLY B 7 12.02 20.05 -0.32
CA GLY B 7 10.62 19.53 -0.16
C GLY B 7 10.31 18.99 1.25
N GLU B 8 9.04 18.61 1.48
CA GLU B 8 8.55 17.99 2.74
C GLU B 8 9.09 16.56 2.81
N THR B 9 10.01 16.28 3.73
N THR B 9 9.99 16.33 3.78
N THR B 9 10.01 16.28 3.73
N THR B 9 9.99 16.33 3.78
CA THR B 9 10.57 14.93 3.94
CA THR B 9 10.72 15.06 4.04
CA THR B 9 10.57 14.93 3.94
CA THR B 9 10.72 15.06 4.04
C THR B 9 10.21 14.42 5.35
C THR B 9 10.14 14.37 5.27
C THR B 9 10.21 14.42 5.35
C THR B 9 10.14 14.37 5.27
N THR B 10 9.18 14.99 5.96
CA THR B 10 8.65 14.50 7.26
C THR B 10 8.07 13.10 7.04
N ASP B 11 8.45 12.14 7.89
N ASP B 11 8.45 12.14 7.89
N ASP B 11 8.45 12.14 7.89
N ASP B 11 8.45 12.14 7.89
CA ASP B 11 7.89 10.76 7.94
CA ASP B 11 7.89 10.76 7.94
CA ASP B 11 7.91 10.75 7.92
CA ASP B 11 7.91 10.75 7.92
C ASP B 11 6.36 10.80 7.83
C ASP B 11 6.36 10.80 7.83
C ASP B 11 6.38 10.77 7.85
C ASP B 11 6.38 10.77 7.85
N GLY B 12 5.77 9.80 7.17
CA GLY B 12 4.31 9.60 7.18
C GLY B 12 3.79 9.21 5.83
N VAL B 13 2.50 9.32 5.68
CA VAL B 13 1.81 8.84 4.45
C VAL B 13 1.47 10.05 3.60
N TYR B 14 1.63 9.92 2.28
CA TYR B 14 1.41 11.01 1.31
C TYR B 14 0.52 10.54 0.19
N ARG B 15 -0.25 11.47 -0.35
CA ARG B 15 -0.96 11.28 -1.64
C ARG B 15 -0.02 11.58 -2.80
N VAL B 16 -0.16 10.84 -3.88
CA VAL B 16 0.54 11.03 -5.16
C VAL B 16 -0.50 11.58 -6.15
N MET B 17 -0.33 12.86 -6.53
CA MET B 17 -1.28 13.63 -7.37
C MET B 17 -0.65 13.85 -8.74
N THR B 18 -1.45 13.95 -9.80
CA THR B 18 -1.06 14.53 -11.11
C THR B 18 -2.07 15.61 -11.52
N ARG B 19 -1.63 16.64 -12.27
CA ARG B 19 -2.51 17.65 -12.94
C ARG B 19 -2.59 17.45 -14.47
N ARG B 20 -1.89 16.47 -15.03
CA ARG B 20 -1.87 16.18 -16.49
C ARG B 20 -3.32 15.99 -16.95
N LEU B 21 -4.15 15.30 -16.16
CA LEU B 21 -5.57 14.97 -16.45
C LEU B 21 -6.50 16.12 -16.00
N LEU B 22 -7.81 15.93 -16.10
CA LEU B 22 -8.83 16.91 -15.66
C LEU B 22 -8.68 17.16 -14.16
N GLY B 23 -8.69 18.43 -13.73
CA GLY B 23 -8.46 18.83 -12.32
C GLY B 23 -7.16 18.26 -11.77
N SER B 24 -7.13 17.99 -10.46
CA SER B 24 -6.03 17.27 -9.77
C SER B 24 -6.55 15.90 -9.34
N THR B 25 -5.93 14.84 -9.84
CA THR B 25 -6.34 13.42 -9.72
C THR B 25 -5.34 12.70 -8.80
N GLN B 26 -5.81 11.97 -7.81
CA GLN B 26 -4.98 11.09 -6.96
C GLN B 26 -4.74 9.78 -7.72
N VAL B 27 -3.48 9.50 -8.10
CA VAL B 27 -3.10 8.23 -8.82
C VAL B 27 -2.63 7.18 -7.80
N GLY B 28 -2.23 7.60 -6.60
CA GLY B 28 -1.86 6.66 -5.53
C GLY B 28 -1.36 7.31 -4.26
N VAL B 29 -0.61 6.56 -3.46
CA VAL B 29 -0.19 6.89 -2.07
C VAL B 29 1.25 6.39 -1.84
N GLY B 30 1.98 6.95 -0.88
CA GLY B 30 3.24 6.35 -0.43
C GLY B 30 3.63 6.72 0.96
N VAL B 31 4.74 6.18 1.38
CA VAL B 31 5.28 6.29 2.76
C VAL B 31 6.60 6.99 2.66
N MET B 32 6.80 8.03 3.47
CA MET B 32 8.11 8.67 3.68
C MET B 32 8.69 8.10 4.97
N GLN B 33 9.90 7.56 4.95
CA GLN B 33 10.60 6.99 6.11
C GLN B 33 12.08 7.11 5.85
N GLU B 34 12.79 7.65 6.81
CA GLU B 34 14.26 7.85 6.78
C GLU B 34 14.69 8.60 5.51
N GLY B 35 14.00 9.65 5.11
CA GLY B 35 14.38 10.44 3.92
C GLY B 35 14.07 9.75 2.60
N VAL B 36 13.40 8.60 2.62
CA VAL B 36 13.07 7.82 1.40
C VAL B 36 11.57 7.73 1.24
N PHE B 37 11.12 7.87 0.00
CA PHE B 37 9.72 7.76 -0.39
C PHE B 37 9.45 6.45 -1.13
N HIS B 38 8.44 5.78 -0.66
CA HIS B 38 8.10 4.36 -0.99
C HIS B 38 6.71 4.32 -1.59
N THR B 39 6.57 3.86 -2.81
CA THR B 39 5.25 3.63 -3.41
C THR B 39 5.29 2.35 -4.25
N MET B 40 4.24 2.12 -5.01
CA MET B 40 4.18 0.98 -5.95
C MET B 40 4.52 1.50 -7.36
N TRP B 41 5.18 0.66 -8.15
N TRP B 41 5.19 0.68 -8.16
N TRP B 41 5.18 0.66 -8.15
N TRP B 41 5.19 0.68 -8.16
CA TRP B 41 5.67 1.01 -9.52
CA TRP B 41 5.67 1.03 -9.51
CA TRP B 41 5.67 1.01 -9.52
CA TRP B 41 5.68 1.03 -9.52
C TRP B 41 4.51 1.49 -10.41
C TRP B 41 4.50 1.49 -10.40
C TRP B 41 4.51 1.49 -10.41
C TRP B 41 4.51 1.49 -10.41
N HIS B 42 3.37 0.80 -10.38
CA HIS B 42 2.21 1.13 -11.28
C HIS B 42 1.62 2.52 -10.94
N VAL B 43 1.93 3.12 -9.79
CA VAL B 43 1.45 4.49 -9.47
C VAL B 43 2.23 5.56 -10.28
N THR B 44 3.57 5.50 -10.29
CA THR B 44 4.42 6.57 -10.87
C THR B 44 4.98 6.17 -12.23
N LYS B 45 4.93 4.88 -12.58
CA LYS B 45 5.73 4.21 -13.64
C LYS B 45 7.19 4.68 -13.64
N GLY B 46 7.76 5.02 -12.49
CA GLY B 46 9.19 5.33 -12.38
C GLY B 46 9.49 6.80 -12.64
N ALA B 47 8.45 7.64 -12.82
CA ALA B 47 8.57 9.10 -13.05
C ALA B 47 9.14 9.83 -11.81
N ALA B 48 9.83 10.94 -12.04
CA ALA B 48 10.26 11.84 -10.96
C ALA B 48 9.03 12.44 -10.32
N LEU B 49 9.13 12.91 -9.09
CA LEU B 49 8.01 13.50 -8.32
C LEU B 49 8.45 14.86 -7.77
N ARG B 50 7.47 15.69 -7.47
CA ARG B 50 7.68 17.03 -6.88
C ARG B 50 7.16 16.99 -5.44
N SER B 51 7.91 17.60 -4.53
CA SER B 51 7.53 17.90 -3.12
C SER B 51 7.66 19.41 -2.88
N GLY B 52 6.61 20.18 -3.16
CA GLY B 52 6.69 21.66 -3.10
C GLY B 52 7.50 22.17 -4.28
N GLU B 53 8.74 22.60 -4.04
CA GLU B 53 9.68 22.97 -5.12
C GLU B 53 10.79 21.92 -5.28
N GLY B 54 11.07 21.11 -4.26
CA GLY B 54 12.01 19.96 -4.30
C GLY B 54 11.57 18.89 -5.30
N ARG B 55 12.55 18.15 -5.82
CA ARG B 55 12.36 17.07 -6.83
C ARG B 55 12.80 15.74 -6.19
N LEU B 56 11.97 14.70 -6.29
CA LEU B 56 12.29 13.34 -5.81
C LEU B 56 12.66 12.49 -7.02
N ASP B 57 13.88 11.96 -7.05
CA ASP B 57 14.30 11.09 -8.18
C ASP B 57 14.19 9.62 -7.78
N PRO B 58 13.75 8.74 -8.71
CA PRO B 58 13.75 7.30 -8.50
C PRO B 58 15.16 6.79 -8.24
N TYR B 59 15.28 5.87 -7.28
CA TYR B 59 16.55 5.31 -6.81
C TYR B 59 16.58 3.79 -7.06
N TRP B 60 15.49 3.12 -6.76
CA TRP B 60 15.31 1.66 -7.01
C TRP B 60 13.89 1.37 -7.48
N GLY B 61 13.73 0.34 -8.28
CA GLY B 61 12.40 -0.05 -8.79
C GLY B 61 12.43 -1.42 -9.41
N ASP B 62 11.33 -2.13 -9.31
CA ASP B 62 11.11 -3.49 -9.87
C ASP B 62 9.65 -3.65 -10.31
N VAL B 63 9.40 -3.75 -11.60
CA VAL B 63 8.04 -3.94 -12.14
C VAL B 63 7.42 -5.24 -11.60
N LYS B 64 8.20 -6.25 -11.27
CA LYS B 64 7.57 -7.56 -10.87
C LYS B 64 7.17 -7.52 -9.39
N GLN B 65 8.00 -6.97 -8.49
CA GLN B 65 7.60 -6.64 -7.11
C GLN B 65 6.52 -5.55 -7.06
N ASP B 66 6.40 -4.76 -8.13
CA ASP B 66 5.56 -3.53 -8.31
C ASP B 66 5.91 -2.52 -7.21
N LEU B 67 7.20 -2.32 -6.91
CA LEU B 67 7.69 -1.35 -5.91
C LEU B 67 8.67 -0.35 -6.55
N VAL B 68 8.79 0.83 -5.92
CA VAL B 68 9.76 1.89 -6.31
C VAL B 68 10.13 2.72 -5.08
N SER B 69 11.38 3.10 -4.95
CA SER B 69 11.83 4.03 -3.88
C SER B 69 12.48 5.28 -4.50
N TYR B 70 12.36 6.41 -3.81
CA TYR B 70 12.85 7.78 -4.20
C TYR B 70 13.84 8.25 -3.14
N CYS B 71 14.98 8.80 -3.63
CA CYS B 71 16.04 9.48 -2.81
C CYS B 71 16.94 8.50 -2.07
N GLY B 72 16.64 7.20 -2.14
CA GLY B 72 17.42 6.25 -1.37
C GLY B 72 16.84 4.85 -1.49
N PRO B 73 17.56 3.86 -0.96
CA PRO B 73 17.17 2.47 -1.07
C PRO B 73 15.92 2.16 -0.22
N TRP B 74 15.18 1.09 -0.55
CA TRP B 74 13.96 0.65 0.19
C TRP B 74 14.31 0.46 1.67
N LYS B 75 13.53 1.04 2.58
CA LYS B 75 13.90 1.10 4.03
C LYS B 75 12.96 0.24 4.89
N LEU B 76 11.79 -0.17 4.38
CA LEU B 76 10.71 -0.83 5.17
C LEU B 76 10.99 -2.34 5.16
N ASP B 77 11.22 -2.95 6.31
CA ASP B 77 11.62 -4.40 6.36
C ASP B 77 10.77 -5.17 7.38
N ALA B 78 9.76 -4.57 7.98
CA ALA B 78 8.87 -5.33 8.87
C ALA B 78 7.99 -6.26 8.02
N ALA B 79 7.57 -7.39 8.63
CA ALA B 79 6.76 -8.45 7.98
C ALA B 79 5.58 -8.87 8.87
N TRP B 80 4.43 -9.16 8.26
CA TRP B 80 3.29 -9.86 8.92
C TRP B 80 3.82 -11.09 9.68
N ASP B 81 3.37 -11.31 10.93
CA ASP B 81 3.84 -12.39 11.83
C ASP B 81 3.20 -13.74 11.42
N GLY B 82 2.17 -13.70 10.58
CA GLY B 82 1.38 -14.85 10.09
C GLY B 82 0.16 -15.14 10.95
N LEU B 83 -0.04 -14.37 12.02
CA LEU B 83 -1.05 -14.62 13.09
C LEU B 83 -1.97 -13.42 13.33
N SER B 84 -1.41 -12.21 13.54
CA SER B 84 -2.12 -11.06 14.17
C SER B 84 -2.95 -10.29 13.14
N GLU B 85 -3.99 -9.59 13.61
CA GLU B 85 -4.76 -8.60 12.80
C GLU B 85 -3.77 -7.49 12.36
N VAL B 86 -4.04 -6.83 11.24
CA VAL B 86 -3.24 -5.67 10.73
C VAL B 86 -4.13 -4.42 10.60
N GLN B 87 -3.56 -3.24 10.34
CA GLN B 87 -4.37 -2.10 9.81
C GLN B 87 -3.88 -1.60 8.44
N LEU B 88 -4.81 -1.50 7.50
CA LEU B 88 -4.66 -0.73 6.26
C LEU B 88 -4.95 0.75 6.56
N LEU B 89 -3.93 1.58 6.44
CA LEU B 89 -4.10 3.06 6.57
C LEU B 89 -4.48 3.53 5.21
N ALA B 90 -5.76 3.35 4.88
CA ALA B 90 -6.32 3.73 3.57
C ALA B 90 -6.27 5.25 3.45
N VAL B 91 -5.78 5.73 2.31
CA VAL B 91 -5.86 7.16 1.92
C VAL B 91 -6.59 7.25 0.59
N PRO B 92 -7.95 7.25 0.59
CA PRO B 92 -8.72 7.29 -0.65
C PRO B 92 -8.70 8.68 -1.27
N PRO B 93 -8.93 8.80 -2.60
CA PRO B 93 -9.04 10.10 -3.27
C PRO B 93 -10.17 10.96 -2.68
N GLY B 94 -9.86 12.23 -2.38
CA GLY B 94 -10.80 13.24 -1.84
C GLY B 94 -11.19 12.99 -0.39
N GLU B 95 -10.62 12.00 0.30
CA GLU B 95 -11.14 11.50 1.59
C GLU B 95 -10.01 11.45 2.61
N ARG B 96 -10.33 11.64 3.88
CA ARG B 96 -9.32 11.67 4.97
C ARG B 96 -8.76 10.27 5.16
N ALA B 97 -7.51 10.18 5.61
CA ALA B 97 -6.83 8.93 5.97
C ALA B 97 -7.71 8.22 7.01
N LYS B 98 -7.78 6.90 6.94
CA LYS B 98 -8.71 6.06 7.72
C LYS B 98 -8.03 4.70 7.93
N ASN B 99 -7.77 4.32 9.19
CA ASN B 99 -7.32 2.95 9.57
C ASN B 99 -8.47 1.95 9.38
N ILE B 100 -8.22 0.77 8.78
CA ILE B 100 -9.19 -0.37 8.71
C ILE B 100 -8.46 -1.63 9.22
N GLN B 101 -8.96 -2.20 10.32
CA GLN B 101 -8.33 -3.36 10.97
C GLN B 101 -8.91 -4.62 10.32
N THR B 102 -8.06 -5.64 10.12
CA THR B 102 -8.34 -6.85 9.32
C THR B 102 -7.31 -7.91 9.70
N LEU B 103 -7.70 -9.19 9.60
CA LEU B 103 -6.77 -10.35 9.67
C LEU B 103 -6.58 -10.80 8.23
N PRO B 104 -5.34 -10.70 7.72
CA PRO B 104 -5.12 -10.92 6.30
C PRO B 104 -5.34 -12.42 5.98
N GLY B 105 -5.82 -12.70 4.78
CA GLY B 105 -5.71 -13.97 4.05
C GLY B 105 -4.30 -14.20 3.52
N ILE B 106 -4.21 -15.13 2.55
CA ILE B 106 -2.92 -15.70 2.05
C ILE B 106 -2.96 -15.81 0.52
N PHE B 107 -1.92 -15.33 -0.13
CA PHE B 107 -1.58 -15.66 -1.53
C PHE B 107 -0.60 -16.84 -1.47
N LYS B 108 -1.00 -18.00 -1.97
CA LYS B 108 -0.12 -19.20 -2.07
C LYS B 108 0.42 -19.25 -3.50
N THR B 109 1.73 -19.18 -3.67
CA THR B 109 2.41 -19.19 -4.98
C THR B 109 3.48 -20.28 -4.93
N LYS B 110 3.90 -20.75 -6.09
CA LYS B 110 4.99 -21.75 -6.24
C LYS B 110 6.23 -21.29 -5.45
N ASP B 111 6.41 -19.98 -5.24
CA ASP B 111 7.63 -19.41 -4.63
C ASP B 111 7.40 -19.08 -3.16
N GLY B 112 6.28 -19.55 -2.56
CA GLY B 112 5.97 -19.24 -1.16
C GLY B 112 4.72 -18.41 -0.97
N ASP B 113 4.47 -18.08 0.29
CA ASP B 113 3.19 -17.56 0.82
C ASP B 113 3.36 -16.05 1.05
N ILE B 114 2.38 -15.26 0.60
CA ILE B 114 2.26 -13.79 0.80
C ILE B 114 0.97 -13.52 1.57
N GLY B 115 1.04 -12.58 2.51
CA GLY B 115 -0.16 -11.96 3.12
C GLY B 115 -1.04 -11.33 2.07
N ALA B 116 -2.33 -11.32 2.32
CA ALA B 116 -3.29 -10.63 1.46
C ALA B 116 -4.35 -10.01 2.37
N VAL B 117 -4.75 -8.78 2.05
N VAL B 117 -4.75 -8.78 2.03
N VAL B 117 -4.75 -8.78 2.05
N VAL B 117 -4.75 -8.78 2.03
CA VAL B 117 -5.84 -8.05 2.76
CA VAL B 117 -5.82 -8.00 2.69
CA VAL B 117 -5.84 -8.05 2.76
CA VAL B 117 -5.82 -8.00 2.69
C VAL B 117 -7.03 -7.91 1.82
C VAL B 117 -7.03 -7.98 1.75
C VAL B 117 -7.03 -7.91 1.82
C VAL B 117 -7.03 -7.98 1.75
N ALA B 118 -8.19 -8.44 2.24
CA ALA B 118 -9.45 -8.41 1.47
C ALA B 118 -10.19 -7.13 1.85
N LEU B 119 -9.85 -6.02 1.20
CA LEU B 119 -10.52 -4.70 1.30
C LEU B 119 -10.53 -4.11 -0.11
N ASP B 120 -11.69 -3.70 -0.60
CA ASP B 120 -11.79 -3.05 -1.91
C ASP B 120 -11.74 -1.54 -1.67
N TYR B 121 -10.81 -0.82 -2.31
CA TYR B 121 -10.80 0.67 -2.36
C TYR B 121 -10.47 1.12 -3.77
N PRO B 122 -10.65 2.42 -4.11
CA PRO B 122 -10.39 2.88 -5.48
C PRO B 122 -8.90 2.68 -5.88
N ALA B 123 -8.63 2.54 -7.18
CA ALA B 123 -7.28 2.30 -7.72
C ALA B 123 -6.31 3.34 -7.13
N GLY B 124 -6.79 4.58 -6.99
CA GLY B 124 -5.99 5.71 -6.50
C GLY B 124 -5.56 5.54 -5.06
N THR B 125 -5.99 4.46 -4.37
CA THR B 125 -5.58 4.15 -2.98
C THR B 125 -4.27 3.31 -2.96
N SER B 126 -3.78 2.88 -4.13
CA SER B 126 -2.56 2.04 -4.29
C SER B 126 -1.37 2.75 -3.61
N GLY B 127 -0.65 2.07 -2.72
CA GLY B 127 0.52 2.57 -1.98
C GLY B 127 0.21 2.89 -0.57
N SER B 128 -1.08 2.88 -0.18
CA SER B 128 -1.43 3.03 1.24
C SER B 128 -0.73 1.94 2.03
N PRO B 129 -0.13 2.29 3.18
CA PRO B 129 0.58 1.33 3.98
C PRO B 129 -0.35 0.44 4.82
N ILE B 130 0.11 -0.79 5.00
CA ILE B 130 -0.51 -1.81 5.89
C ILE B 130 0.41 -1.89 7.08
N LEU B 131 -0.10 -1.77 8.31
CA LEU B 131 0.73 -1.73 9.56
C LEU B 131 0.53 -2.92 10.51
N ASP B 132 1.52 -3.18 11.34
CA ASP B 132 1.40 -4.04 12.56
C ASP B 132 1.07 -3.21 13.83
N LYS B 133 0.97 -3.88 14.99
CA LYS B 133 0.44 -3.28 16.25
C LYS B 133 1.44 -2.29 16.85
N CYS B 134 2.71 -2.33 16.40
CA CYS B 134 3.82 -1.46 16.86
C CYS B 134 3.96 -0.24 15.92
N GLY B 135 3.05 -0.08 14.94
CA GLY B 135 3.07 1.01 13.94
C GLY B 135 4.03 0.82 12.75
N ARG B 136 4.76 -0.30 12.66
CA ARG B 136 5.72 -0.54 11.56
C ARG B 136 4.98 -0.96 10.28
N VAL B 137 5.48 -0.48 9.15
CA VAL B 137 4.83 -0.71 7.83
C VAL B 137 5.31 -2.10 7.40
N ILE B 138 4.38 -3.02 7.22
CA ILE B 138 4.67 -4.44 6.84
C ILE B 138 4.48 -4.57 5.33
N GLY B 139 4.09 -3.48 4.65
CA GLY B 139 3.89 -3.52 3.20
C GLY B 139 2.87 -2.54 2.70
N LEU B 140 2.70 -2.53 1.40
CA LEU B 140 1.87 -1.56 0.68
C LEU B 140 0.74 -2.31 0.01
N TYR B 141 -0.38 -1.60 -0.01
CA TYR B 141 -1.67 -1.99 -0.59
C TYR B 141 -1.70 -1.61 -2.03
N GLY B 142 -2.21 -2.48 -2.91
CA GLY B 142 -2.65 -2.09 -4.28
C GLY B 142 -2.10 -2.88 -5.45
N ASN B 143 -1.49 -4.05 -5.21
CA ASN B 143 -1.29 -5.04 -6.31
C ASN B 143 -1.94 -6.35 -5.86
N GLY B 144 -2.96 -6.78 -6.57
CA GLY B 144 -3.70 -8.03 -6.24
C GLY B 144 -4.58 -8.48 -7.40
N VAL B 145 -5.76 -9.03 -7.08
CA VAL B 145 -6.54 -9.92 -7.99
C VAL B 145 -8.02 -9.82 -7.63
N VAL B 146 -8.88 -9.88 -8.64
CA VAL B 146 -10.36 -9.84 -8.50
C VAL B 146 -10.85 -11.29 -8.43
N ILE B 147 -11.46 -11.72 -7.32
CA ILE B 147 -11.67 -13.17 -6.99
C ILE B 147 -13.02 -13.62 -7.59
N LYS B 148 -13.30 -14.93 -7.50
N LYS B 148 -13.30 -14.93 -7.50
N LYS B 148 -13.32 -14.92 -7.47
N LYS B 148 -13.32 -14.92 -7.47
CA LYS B 148 -14.55 -15.60 -7.97
CA LYS B 148 -14.55 -15.60 -7.97
CA LYS B 148 -14.54 -15.59 -7.99
CA LYS B 148 -14.54 -15.59 -7.99
C LYS B 148 -15.76 -14.68 -7.77
C LYS B 148 -15.76 -14.68 -7.77
C LYS B 148 -15.78 -14.71 -7.77
C LYS B 148 -15.78 -14.71 -7.77
N ASN B 149 -15.86 -14.04 -6.60
CA ASN B 149 -16.97 -13.13 -6.23
C ASN B 149 -17.04 -11.92 -7.19
N GLY B 150 -15.91 -11.29 -7.50
CA GLY B 150 -15.86 -9.97 -8.18
C GLY B 150 -15.24 -8.85 -7.32
N SER B 151 -14.93 -9.18 -6.06
N SER B 151 -14.94 -9.17 -6.06
N SER B 151 -14.93 -9.18 -6.06
N SER B 151 -14.94 -9.17 -6.06
CA SER B 151 -14.29 -8.30 -5.06
CA SER B 151 -14.29 -8.29 -5.08
CA SER B 151 -14.29 -8.30 -5.06
CA SER B 151 -14.29 -8.29 -5.08
C SER B 151 -12.76 -8.37 -5.21
C SER B 151 -12.76 -8.33 -5.27
C SER B 151 -12.76 -8.37 -5.21
C SER B 151 -12.76 -8.33 -5.27
N TYR B 152 -12.06 -7.33 -4.75
CA TYR B 152 -10.59 -7.18 -4.89
C TYR B 152 -9.87 -7.67 -3.63
N VAL B 153 -8.83 -8.45 -3.82
CA VAL B 153 -7.88 -8.80 -2.74
C VAL B 153 -6.47 -8.32 -3.14
N SER B 154 -5.82 -7.56 -2.26
CA SER B 154 -4.44 -7.03 -2.42
C SER B 154 -3.44 -7.95 -1.74
N ALA B 155 -2.28 -8.17 -2.34
CA ALA B 155 -1.08 -8.58 -1.57
C ALA B 155 -0.77 -7.55 -0.50
N ILE B 156 -0.16 -8.04 0.54
CA ILE B 156 0.75 -7.24 1.39
C ILE B 156 2.12 -7.28 0.70
N THR B 157 2.49 -6.23 -0.06
CA THR B 157 3.75 -6.17 -0.85
C THR B 157 4.80 -5.46 -0.01
N GLN B 158 5.86 -6.17 0.35
CA GLN B 158 7.00 -5.63 1.12
C GLN B 158 8.29 -5.80 0.30
N GLY B 159 9.19 -4.82 0.39
CA GLY B 159 10.50 -4.90 -0.27
C GLY B 159 11.53 -5.54 0.62
N LYS B 160 12.76 -5.63 0.12
CA LYS B 160 13.96 -6.06 0.87
C LYS B 160 14.72 -4.80 1.31
N ARG B 161 15.14 -4.72 2.56
CA ARG B 161 16.13 -3.71 3.02
C ARG B 161 17.53 -4.33 2.96
N GLU B 162 18.40 -3.83 2.07
CA GLU B 162 19.82 -4.27 1.93
C GLU B 162 20.65 -3.79 3.12
S DMS C . -7.77 -1.40 -7.39
S DMS C . -7.77 -1.40 -7.39
O DMS C . -8.35 -2.76 -7.65
O DMS C . -8.35 -2.76 -7.65
C1 DMS C . -6.14 -1.42 -8.10
C1 DMS C . -6.14 -1.42 -8.10
C2 DMS C . -7.29 -1.36 -5.68
C2 DMS C . -7.28 -1.37 -5.69
S DMS D . 9.18 7.48 -17.12
O DMS D . 9.86 6.68 -16.03
C1 DMS D . 9.11 9.17 -16.54
C2 DMS D . 7.44 7.16 -17.01
S DMS E . -4.36 -3.78 -9.81
S DMS E . -4.37 -3.78 -9.82
O DMS E . -4.27 -4.83 -8.75
O DMS E . -4.28 -4.83 -8.76
C1 DMS E . -2.68 -3.40 -10.26
C1 DMS E . -2.69 -3.41 -10.27
C2 DMS E . -4.84 -4.63 -11.30
C2 DMS E . -4.84 -4.62 -11.31
N1 A1BXO F . -7.47 -3.09 -9.75
N1 A1BXO F . -7.47 -3.09 -9.75
N3 A1BXO F . 0.68 -4.82 -12.26
N3 A1BXO F . 0.68 -4.82 -12.26
C4 A1BXO F . -7.91 -1.98 -7.63
C4 A1BXO F . -7.91 -1.98 -7.63
C5 A1BXO F . -7.39 -1.31 -6.49
C5 A1BXO F . -7.39 -1.31 -6.49
C6 A1BXO F . -6.05 -1.12 -6.36
C6 A1BXO F . -6.05 -1.12 -6.36
C7 A1BXO F . -5.16 -1.54 -7.35
C7 A1BXO F . -5.16 -1.54 -7.35
C8 A1BXO F . -5.61 -2.17 -8.49
C8 A1BXO F . -5.61 -2.17 -8.49
C10 A1BXO F . -2.73 -4.00 -10.09
C10 A1BXO F . -2.73 -4.00 -10.09
C13 A1BXO F . -0.54 -4.55 -11.43
C13 A1BXO F . -0.54 -4.55 -11.43
C15 A1BXO F . -3.01 -4.98 -11.22
C15 A1BXO F . -3.01 -4.98 -11.22
C17 A1BXO F . -10.29 -1.76 -6.75
C17 A1BXO F . -10.29 -1.76 -6.75
C1 A1BXO F . -9.20 -4.03 -11.13
C1 A1BXO F . -9.20 -4.03 -11.13
C2 A1BXO F . -8.76 -3.31 -9.89
C2 A1BXO F . -8.76 -3.31 -9.89
C3 A1BXO F . -7.02 -2.44 -8.63
C3 A1BXO F . -7.02 -2.44 -8.63
N2 A1BXO F . -4.73 -2.67 -9.46
N2 A1BXO F . -4.73 -2.67 -9.46
C9 A1BXO F . -3.95 -3.76 -9.20
C9 A1BXO F . -3.95 -3.76 -9.20
O1 A1BXO F . -4.17 -4.51 -8.27
O1 A1BXO F . -4.17 -4.51 -8.27
C11 A1BXO F . -2.10 -2.73 -10.65
C11 A1BXO F . -2.10 -2.73 -10.65
C12 A1BXO F . -0.74 -3.05 -11.27
C12 A1BXO F . -0.74 -3.05 -11.27
C14 A1BXO F . -1.75 -5.23 -12.03
C14 A1BXO F . -1.75 -5.23 -12.03
C16 A1BXO F . -9.32 -2.23 -7.80
C16 A1BXO F . -9.32 -2.23 -7.80
O2 A1BXO F . -11.58 -2.38 -6.84
O2 A1BXO F . -11.58 -2.38 -6.84
C18 A1BXO F . -9.72 -2.88 -8.93
C18 A1BXO F . -9.72 -2.88 -8.93
#